data_9CLG
#
_entry.id   9CLG
#
_cell.length_a   78.012
_cell.length_b   89.964
_cell.length_c   99.158
_cell.angle_alpha   90.00
_cell.angle_beta   90.00
_cell.angle_gamma   90.00
#
_symmetry.space_group_name_H-M   'P 21 21 21'
#
loop_
_entity.id
_entity.type
_entity.pdbx_description
1 polymer 'Importin subunit alpha-1'
2 polymer 'Zero net-charge NLS'
3 non-polymer GLYCEROL
4 non-polymer 2,3-DIHYDROXY-1,4-DITHIOBUTANE
5 water water
#
loop_
_entity_poly.entity_id
_entity_poly.type
_entity_poly.pdbx_seq_one_letter_code
_entity_poly.pdbx_strand_id
1 'polypeptide(L)'
;MHHHHHHSSGLVPRGSGMKETAAAKFERQHMDSPDLGTDDDDKAMADIGSNQGTVNWSVEDIVKGINSNNLESQLQATQA
ARKLLSREKQPPIDNIIRAGLIPKFVSFLGKTDCSPIQFESAWALTNIASGTSEQTKAVVDGGAIPAFISLLASPHAHIS
EQAVWALGNIAGDGSAFRDLVIKHGAIDPLLALLAVPDLSTLACGYLRNLTWTLSNLCRNKNPAPPLDAVEQILPTLVRL
LHHNDPEVLADSCWAISYLTDGPNERIEMVVKKGVVPQLVKLLGATELPIVTPALRAIGNIVTGTDEQTQKVIDAGALAV
FPSLLTNPKTNIQKEATWTMSNITAGRQDQIQQVVNHGLVPFLVGVLSKADFKTQKEAAWAITNYTSGGTVEQIVYLVHC
GIIEPLMNLLSAKDTKIIQVILDAISNIFQAAEKLGETEKLSIMIEECGGLDKIEALQRHENESVYKASLNLIEKYFSVE
EEEDQNVVPETTSEGFAFQVQDGAPGTFNF
;
A
2 'polypeptide(L)' PVKKEKIDE B,C
#
loop_
_chem_comp.id
_chem_comp.type
_chem_comp.name
_chem_comp.formula
DTT non-polymer 2,3-DIHYDROXY-1,4-DITHIOBUTANE 'C4 H10 O2 S2'
GOL non-polymer GLYCEROL 'C3 H8 O3'
#
# COMPACT_ATOMS: atom_id res chain seq x y z
N GLY A 53 40.20 -0.19 -15.68
CA GLY A 53 41.03 -0.51 -14.50
C GLY A 53 40.29 -1.42 -13.50
N THR A 54 39.08 -0.99 -13.09
CA THR A 54 38.27 -1.69 -12.10
C THR A 54 37.02 -2.31 -12.76
N VAL A 55 37.09 -2.57 -14.08
CA VAL A 55 35.96 -3.11 -14.84
C VAL A 55 36.26 -4.57 -15.21
N ASN A 56 35.26 -5.45 -15.02
CA ASN A 56 35.35 -6.85 -15.42
C ASN A 56 36.46 -7.57 -14.66
N TRP A 57 36.47 -7.47 -13.32
CA TRP A 57 37.42 -8.23 -12.51
C TRP A 57 36.78 -9.55 -12.12
N SER A 58 37.62 -10.56 -11.88
CA SER A 58 37.22 -11.79 -11.24
C SER A 58 37.05 -11.55 -9.74
N VAL A 59 36.29 -12.43 -9.09
CA VAL A 59 36.15 -12.44 -7.64
C VAL A 59 37.51 -12.75 -7.02
N GLU A 60 38.29 -13.61 -7.69
CA GLU A 60 39.60 -14.03 -7.19
C GLU A 60 40.52 -12.82 -7.10
N ASP A 61 40.43 -11.92 -8.07
CA ASP A 61 41.23 -10.70 -8.10
C ASP A 61 40.79 -9.71 -7.02
N ILE A 62 39.46 -9.58 -6.82
CA ILE A 62 38.95 -8.69 -5.80
C ILE A 62 39.47 -9.13 -4.45
N VAL A 63 39.48 -10.45 -4.21
CA VAL A 63 39.91 -10.98 -2.93
C VAL A 63 41.40 -10.68 -2.70
N LYS A 64 42.20 -10.82 -3.77
CA LYS A 64 43.64 -10.67 -3.67
C LYS A 64 43.93 -9.21 -3.28
N GLY A 65 43.20 -8.28 -3.90
CA GLY A 65 43.38 -6.86 -3.61
C GLY A 65 42.91 -6.48 -2.20
N ILE A 66 41.75 -7.02 -1.82
CA ILE A 66 41.19 -6.74 -0.51
C ILE A 66 42.04 -7.32 0.61
N ASN A 67 42.74 -8.45 0.36
CA ASN A 67 43.63 -9.08 1.32
C ASN A 67 45.05 -8.56 1.23
N SER A 68 45.29 -7.56 0.37
CA SER A 68 46.60 -6.95 0.17
C SER A 68 47.10 -6.18 1.39
N ASN A 69 46.22 -5.53 2.15
CA ASN A 69 46.70 -4.63 3.20
C ASN A 69 47.49 -3.44 2.63
N ASN A 70 47.18 -3.09 1.40
CA ASN A 70 47.47 -1.80 0.82
C ASN A 70 46.13 -1.10 0.65
N LEU A 71 45.92 -0.01 1.37
CA LEU A 71 44.61 0.64 1.40
C LEU A 71 44.16 1.01 0.00
N GLU A 72 45.09 1.50 -0.83
CA GLU A 72 44.72 1.80 -2.20
C GLU A 72 44.40 0.54 -2.99
N SER A 73 45.17 -0.54 -2.83
CA SER A 73 44.82 -1.77 -3.56
C SER A 73 43.45 -2.23 -3.11
N GLN A 74 43.16 -2.08 -1.81
CA GLN A 74 41.85 -2.46 -1.29
C GLN A 74 40.75 -1.60 -1.90
N LEU A 75 41.01 -0.30 -2.04
CA LEU A 75 40.06 0.61 -2.66
C LEU A 75 39.76 0.21 -4.11
N GLN A 76 40.79 -0.15 -4.88
CA GLN A 76 40.56 -0.52 -6.27
C GLN A 76 39.73 -1.80 -6.33
N ALA A 77 40.06 -2.78 -5.50
CA ALA A 77 39.34 -4.03 -5.54
C ALA A 77 37.89 -3.83 -5.08
N THR A 78 37.67 -2.95 -4.09
CA THR A 78 36.33 -2.66 -3.59
C THR A 78 35.50 -2.02 -4.69
N GLN A 79 36.10 -1.08 -5.43
CA GLN A 79 35.44 -0.47 -6.57
C GLN A 79 35.14 -1.53 -7.64
N ALA A 80 36.08 -2.45 -7.90
CA ALA A 80 35.83 -3.51 -8.85
C ALA A 80 34.61 -4.32 -8.40
N ALA A 81 34.52 -4.66 -7.11
CA ALA A 81 33.38 -5.37 -6.55
C ALA A 81 32.09 -4.61 -6.77
N ARG A 82 32.12 -3.31 -6.48
CA ARG A 82 30.96 -2.46 -6.67
C ARG A 82 30.50 -2.48 -8.12
N LYS A 83 31.45 -2.44 -9.06
CA LYS A 83 31.08 -2.45 -10.47
C LYS A 83 30.45 -3.78 -10.86
N LEU A 84 30.98 -4.90 -10.33
CA LEU A 84 30.34 -6.21 -10.50
C LEU A 84 28.89 -6.21 -10.02
N LEU A 85 28.67 -5.67 -8.83
CA LEU A 85 27.38 -5.73 -8.19
C LEU A 85 26.41 -4.75 -8.82
N SER A 86 26.96 -3.78 -9.56
CA SER A 86 26.20 -2.75 -10.25
C SER A 86 25.73 -3.19 -11.63
N ARG A 87 26.27 -4.29 -12.17
CA ARG A 87 25.78 -4.79 -13.44
C ARG A 87 24.38 -5.38 -13.17
N GLU A 88 23.50 -5.25 -14.17
CA GLU A 88 22.12 -5.68 -14.07
C GLU A 88 22.02 -7.14 -14.48
N LYS A 89 23.06 -7.58 -15.21
CA LYS A 89 23.19 -8.91 -15.78
C LYS A 89 23.63 -9.88 -14.69
N GLN A 90 22.68 -10.22 -13.82
CA GLN A 90 22.82 -11.26 -12.80
C GLN A 90 24.12 -11.08 -12.02
N PRO A 91 24.13 -10.10 -11.08
CA PRO A 91 25.32 -9.76 -10.32
C PRO A 91 25.71 -10.89 -9.39
N PRO A 92 27.03 -11.17 -9.24
CA PRO A 92 27.48 -12.33 -8.49
C PRO A 92 27.45 -12.09 -6.98
N ILE A 93 26.27 -11.85 -6.44
CA ILE A 93 26.14 -11.57 -5.02
C ILE A 93 26.63 -12.78 -4.22
N ASP A 94 26.20 -14.00 -4.56
CA ASP A 94 26.49 -15.15 -3.69
C ASP A 94 27.98 -15.48 -3.71
N ASN A 95 28.65 -15.23 -4.84
CA ASN A 95 30.09 -15.47 -4.93
C ASN A 95 30.84 -14.50 -4.03
N ILE A 96 30.39 -13.23 -4.01
CA ILE A 96 31.01 -12.22 -3.15
C ILE A 96 30.82 -12.63 -1.70
N ILE A 97 29.60 -13.06 -1.34
CA ILE A 97 29.33 -13.48 0.03
C ILE A 97 30.22 -14.66 0.40
N ARG A 98 30.27 -15.70 -0.46
CA ARG A 98 31.02 -16.92 -0.16
C ARG A 98 32.53 -16.63 -0.09
N ALA A 99 33.03 -15.60 -0.79
CA ALA A 99 34.44 -15.21 -0.71
C ALA A 99 34.81 -14.58 0.65
N GLY A 100 33.82 -14.29 1.52
CA GLY A 100 34.08 -13.73 2.84
C GLY A 100 34.31 -12.21 2.83
N LEU A 101 33.82 -11.50 1.79
CA LEU A 101 34.08 -10.08 1.62
C LEU A 101 33.25 -9.14 2.49
N ILE A 102 32.09 -9.57 3.01
CA ILE A 102 31.18 -8.64 3.64
C ILE A 102 31.81 -8.00 4.87
N PRO A 103 32.45 -8.77 5.77
CA PRO A 103 33.11 -8.18 6.94
C PRO A 103 34.16 -7.11 6.59
N LYS A 104 34.87 -7.34 5.48
CA LYS A 104 35.91 -6.46 4.98
C LYS A 104 35.28 -5.13 4.55
N PHE A 105 34.25 -5.20 3.71
CA PHE A 105 33.48 -4.05 3.31
C PHE A 105 32.91 -3.32 4.52
N VAL A 106 32.37 -4.09 5.46
CA VAL A 106 31.85 -3.46 6.65
C VAL A 106 32.94 -2.65 7.37
N SER A 107 34.16 -3.19 7.50
CA SER A 107 35.19 -2.47 8.26
C SER A 107 35.68 -1.28 7.44
N PHE A 108 35.57 -1.36 6.10
CA PHE A 108 35.92 -0.23 5.26
C PHE A 108 34.96 0.94 5.49
N LEU A 109 33.72 0.67 5.97
CA LEU A 109 32.76 1.72 6.25
C LEU A 109 33.27 2.68 7.33
N GLY A 110 34.15 2.21 8.22
CA GLY A 110 34.63 3.01 9.34
C GLY A 110 35.96 3.72 9.06
N LYS A 111 36.44 3.72 7.81
CA LYS A 111 37.69 4.40 7.47
C LYS A 111 37.45 5.85 7.05
N THR A 112 37.22 6.74 8.04
CA THR A 112 36.99 8.16 7.87
C THR A 112 38.11 8.84 7.08
N ASP A 113 39.33 8.33 7.27
CA ASP A 113 40.53 8.74 6.59
C ASP A 113 40.41 8.52 5.08
N CYS A 114 39.65 7.51 4.64
CA CYS A 114 39.54 7.18 3.22
C CYS A 114 38.07 7.14 2.74
N SER A 115 37.54 8.32 2.38
CA SER A 115 36.13 8.44 2.07
C SER A 115 35.77 7.63 0.82
N PRO A 116 36.61 7.52 -0.22
CA PRO A 116 36.22 6.72 -1.37
C PRO A 116 35.95 5.26 -1.01
N ILE A 117 36.72 4.67 -0.08
CA ILE A 117 36.52 3.26 0.19
C ILE A 117 35.23 3.10 1.01
N GLN A 118 34.92 4.10 1.84
CA GLN A 118 33.66 4.17 2.55
C GLN A 118 32.50 4.11 1.57
N PHE A 119 32.55 4.95 0.53
CA PHE A 119 31.48 5.02 -0.47
C PHE A 119 31.38 3.74 -1.29
N GLU A 120 32.51 3.26 -1.82
CA GLU A 120 32.53 2.08 -2.65
C GLU A 120 32.04 0.86 -1.84
N SER A 121 32.41 0.77 -0.56
CA SER A 121 31.97 -0.35 0.26
CA SER A 121 31.97 -0.34 0.28
C SER A 121 30.48 -0.24 0.57
N ALA A 122 30.01 1.01 0.78
CA ALA A 122 28.61 1.27 1.05
C ALA A 122 27.73 0.84 -0.12
N TRP A 123 28.17 1.18 -1.33
CA TRP A 123 27.42 0.86 -2.53
C TRP A 123 27.40 -0.65 -2.77
N ALA A 124 28.55 -1.31 -2.59
CA ALA A 124 28.61 -2.76 -2.71
C ALA A 124 27.65 -3.41 -1.72
N LEU A 125 27.65 -2.92 -0.47
CA LEU A 125 26.86 -3.56 0.57
C LEU A 125 25.38 -3.27 0.34
N THR A 126 25.09 -2.11 -0.24
CA THR A 126 23.74 -1.71 -0.62
C THR A 126 23.17 -2.72 -1.60
N ASN A 127 24.00 -3.16 -2.56
CA ASN A 127 23.49 -3.99 -3.66
C ASN A 127 23.33 -5.44 -3.21
N ILE A 128 24.20 -5.89 -2.31
CA ILE A 128 23.99 -7.18 -1.64
C ILE A 128 22.70 -7.14 -0.82
N ALA A 129 22.46 -6.05 -0.06
CA ALA A 129 21.31 -5.95 0.82
C ALA A 129 20.04 -5.80 0.00
N SER A 130 20.17 -5.46 -1.28
CA SER A 130 19.05 -5.38 -2.20
C SER A 130 18.57 -6.75 -2.65
N GLY A 131 19.29 -7.85 -2.33
CA GLY A 131 18.91 -9.17 -2.84
C GLY A 131 17.83 -9.90 -2.01
N THR A 132 17.94 -11.22 -1.97
CA THR A 132 17.11 -12.06 -1.11
C THR A 132 17.31 -11.77 0.38
N SER A 133 16.36 -12.27 1.19
CA SER A 133 16.44 -12.15 2.63
C SER A 133 17.77 -12.69 3.14
N GLU A 134 18.21 -13.77 2.52
CA GLU A 134 19.45 -14.41 2.90
C GLU A 134 20.64 -13.50 2.57
N GLN A 135 20.61 -12.83 1.43
CA GLN A 135 21.65 -11.89 1.09
C GLN A 135 21.61 -10.67 2.02
N THR A 136 20.41 -10.15 2.31
CA THR A 136 20.30 -9.04 3.27
C THR A 136 20.84 -9.46 4.64
N LYS A 137 20.55 -10.69 5.03
CA LYS A 137 20.99 -11.22 6.31
C LYS A 137 22.52 -11.27 6.39
N ALA A 138 23.19 -11.63 5.28
CA ALA A 138 24.65 -11.64 5.27
C ALA A 138 25.20 -10.25 5.60
N VAL A 139 24.53 -9.19 5.11
CA VAL A 139 25.00 -7.85 5.34
C VAL A 139 24.81 -7.53 6.82
N VAL A 140 23.61 -7.79 7.33
CA VAL A 140 23.30 -7.52 8.72
C VAL A 140 24.25 -8.32 9.60
N ASP A 141 24.46 -9.59 9.25
CA ASP A 141 25.29 -10.45 10.08
C ASP A 141 26.73 -9.95 10.14
N GLY A 142 27.18 -9.21 9.10
CA GLY A 142 28.51 -8.62 9.05
C GLY A 142 28.70 -7.37 9.92
N GLY A 143 27.65 -6.92 10.63
CA GLY A 143 27.72 -5.75 11.49
C GLY A 143 27.41 -4.44 10.75
N ALA A 144 26.75 -4.54 9.60
CA ALA A 144 26.59 -3.36 8.76
C ALA A 144 25.69 -2.31 9.43
N ILE A 145 24.71 -2.71 10.26
CA ILE A 145 23.69 -1.76 10.66
C ILE A 145 24.29 -0.59 11.44
N PRO A 146 25.03 -0.82 12.54
CA PRO A 146 25.58 0.28 13.33
C PRO A 146 26.58 1.06 12.49
N ALA A 147 27.26 0.36 11.60
CA ALA A 147 28.26 1.03 10.76
C ALA A 147 27.59 1.98 9.77
N PHE A 148 26.46 1.57 9.16
CA PHE A 148 25.70 2.48 8.32
C PHE A 148 25.07 3.64 9.09
N ILE A 149 24.66 3.36 10.33
CA ILE A 149 24.07 4.42 11.11
C ILE A 149 25.15 5.46 11.42
N SER A 150 26.40 5.04 11.69
CA SER A 150 27.50 6.00 11.86
C SER A 150 27.69 6.84 10.60
N LEU A 151 27.66 6.20 9.44
CA LEU A 151 27.88 6.91 8.21
C LEU A 151 26.81 7.96 7.92
N LEU A 152 25.65 7.87 8.57
CA LEU A 152 24.64 8.90 8.36
C LEU A 152 25.17 10.27 8.74
N ALA A 153 26.18 10.31 9.63
CA ALA A 153 26.80 11.56 10.08
C ALA A 153 27.96 12.00 9.17
N SER A 154 28.25 11.27 8.11
CA SER A 154 29.31 11.66 7.21
C SER A 154 29.10 13.08 6.68
N PRO A 155 30.17 13.90 6.60
CA PRO A 155 30.12 15.20 5.96
C PRO A 155 30.01 15.13 4.45
N HIS A 156 30.27 13.96 3.87
CA HIS A 156 30.14 13.77 2.43
C HIS A 156 28.73 13.25 2.16
N ALA A 157 27.99 14.00 1.37
CA ALA A 157 26.58 13.77 1.22
C ALA A 157 26.36 12.48 0.44
N HIS A 158 27.27 12.16 -0.47
CA HIS A 158 27.10 10.96 -1.27
C HIS A 158 27.26 9.72 -0.41
N ILE A 159 28.00 9.82 0.70
CA ILE A 159 28.24 8.68 1.56
C ILE A 159 27.05 8.52 2.48
N SER A 160 26.57 9.66 2.96
CA SER A 160 25.40 9.73 3.83
C SER A 160 24.21 9.08 3.12
N GLU A 161 24.02 9.47 1.87
CA GLU A 161 22.91 9.01 1.09
C GLU A 161 23.00 7.50 0.89
N GLN A 162 24.22 7.00 0.66
CA GLN A 162 24.40 5.59 0.40
C GLN A 162 24.05 4.79 1.67
N ALA A 163 24.38 5.33 2.82
CA ALA A 163 24.03 4.70 4.08
C ALA A 163 22.52 4.66 4.25
N VAL A 164 21.84 5.76 3.90
CA VAL A 164 20.39 5.85 3.97
C VAL A 164 19.78 4.72 3.12
N TRP A 165 20.31 4.60 1.90
CA TRP A 165 19.84 3.64 0.93
C TRP A 165 20.01 2.22 1.50
N ALA A 166 21.20 1.95 2.03
CA ALA A 166 21.49 0.62 2.54
C ALA A 166 20.52 0.25 3.68
N LEU A 167 20.32 1.17 4.60
CA LEU A 167 19.46 0.91 5.73
C LEU A 167 18.03 0.70 5.26
N GLY A 168 17.66 1.39 4.17
CA GLY A 168 16.36 1.21 3.53
C GLY A 168 16.18 -0.22 3.00
N ASN A 169 17.23 -0.77 2.37
CA ASN A 169 17.16 -2.14 1.90
C ASN A 169 17.05 -3.09 3.08
N ILE A 170 17.80 -2.80 4.15
CA ILE A 170 17.81 -3.67 5.29
C ILE A 170 16.44 -3.65 5.94
N ALA A 171 15.92 -2.45 6.19
CA ALA A 171 14.61 -2.34 6.82
C ALA A 171 13.53 -2.92 5.94
N GLY A 172 13.64 -2.80 4.61
CA GLY A 172 12.60 -3.27 3.71
C GLY A 172 12.50 -4.79 3.64
N ASP A 173 13.44 -5.51 4.26
CA ASP A 173 13.41 -6.96 4.20
C ASP A 173 12.21 -7.51 4.98
N GLY A 174 11.84 -6.86 6.07
CA GLY A 174 10.76 -7.36 6.89
C GLY A 174 10.78 -6.76 8.29
N SER A 175 9.83 -7.19 9.12
CA SER A 175 9.59 -6.50 10.37
C SER A 175 10.80 -6.63 11.30
N ALA A 176 11.48 -7.77 11.23
CA ALA A 176 12.51 -8.05 12.22
C ALA A 176 13.71 -7.16 11.95
N PHE A 177 14.11 -7.04 10.67
CA PHE A 177 15.25 -6.18 10.37
C PHE A 177 14.85 -4.71 10.51
N ARG A 178 13.60 -4.37 10.18
CA ARG A 178 13.10 -3.02 10.37
C ARG A 178 13.27 -2.61 11.82
N ASP A 179 12.83 -3.47 12.74
CA ASP A 179 12.92 -3.22 14.17
C ASP A 179 14.36 -3.25 14.66
N LEU A 180 15.23 -4.04 14.03
CA LEU A 180 16.63 -4.03 14.43
C LEU A 180 17.28 -2.71 14.05
N VAL A 181 16.94 -2.17 12.88
CA VAL A 181 17.46 -0.88 12.46
C VAL A 181 17.01 0.19 13.44
N ILE A 182 15.74 0.13 13.86
CA ILE A 182 15.16 1.05 14.83
C ILE A 182 15.84 0.94 16.19
N LYS A 183 16.09 -0.28 16.67
CA LYS A 183 16.75 -0.48 17.96
C LYS A 183 18.19 0.07 17.98
N HIS A 184 18.91 0.00 16.85
CA HIS A 184 20.26 0.52 16.73
C HIS A 184 20.26 2.04 16.62
N GLY A 185 19.09 2.70 16.60
CA GLY A 185 19.00 4.13 16.75
C GLY A 185 19.06 4.90 15.42
N ALA A 186 18.57 4.29 14.33
CA ALA A 186 18.61 4.92 13.02
C ALA A 186 17.66 6.12 12.90
N ILE A 187 16.58 6.17 13.66
CA ILE A 187 15.54 7.13 13.32
C ILE A 187 16.00 8.56 13.57
N ASP A 188 16.69 8.82 14.69
CA ASP A 188 17.09 10.18 15.02
C ASP A 188 18.01 10.73 13.95
N PRO A 189 19.11 10.04 13.59
CA PRO A 189 20.01 10.58 12.57
C PRO A 189 19.34 10.75 11.21
N LEU A 190 18.40 9.85 10.87
CA LEU A 190 17.66 9.98 9.63
C LEU A 190 16.83 11.25 9.64
N LEU A 191 16.07 11.49 10.71
CA LEU A 191 15.22 12.67 10.77
C LEU A 191 16.02 13.97 10.81
N ALA A 192 17.20 13.91 11.42
CA ALA A 192 18.10 15.04 11.53
C ALA A 192 18.52 15.52 10.14
N LEU A 193 18.66 14.62 9.17
CA LEU A 193 19.04 14.99 7.83
C LEU A 193 17.95 15.78 7.10
N LEU A 194 16.70 15.74 7.61
CA LEU A 194 15.57 16.46 7.03
C LEU A 194 15.19 17.68 7.88
N ALA A 195 16.03 18.02 8.85
CA ALA A 195 15.78 19.14 9.75
C ALA A 195 16.33 20.41 9.11
N VAL A 196 15.65 20.82 8.05
CA VAL A 196 15.98 22.06 7.39
C VAL A 196 14.69 22.86 7.26
N PRO A 197 14.83 24.19 7.17
CA PRO A 197 13.67 25.08 7.01
C PRO A 197 12.85 24.79 5.76
N ASP A 198 13.52 24.41 4.67
CA ASP A 198 12.86 24.17 3.41
C ASP A 198 13.49 22.97 2.73
N LEU A 199 12.69 21.91 2.57
CA LEU A 199 13.11 20.68 1.97
C LEU A 199 13.69 20.92 0.58
N SER A 200 13.32 22.05 -0.03
CA SER A 200 13.66 22.27 -1.44
C SER A 200 15.15 22.54 -1.61
N THR A 201 15.86 22.86 -0.53
CA THR A 201 17.27 23.17 -0.65
C THR A 201 18.10 21.88 -0.71
N LEU A 202 17.48 20.73 -0.38
CA LEU A 202 18.19 19.46 -0.39
C LEU A 202 18.14 18.90 -1.80
N ALA A 203 19.18 18.17 -2.19
CA ALA A 203 19.25 17.51 -3.49
C ALA A 203 18.09 16.53 -3.65
N CYS A 204 17.61 16.42 -4.86
CA CYS A 204 16.38 15.74 -5.18
C CYS A 204 16.52 14.25 -4.89
N GLY A 205 17.64 13.68 -5.35
CA GLY A 205 17.94 12.27 -5.19
C GLY A 205 18.05 11.89 -3.73
N TYR A 206 18.61 12.81 -2.96
CA TYR A 206 18.87 12.59 -1.54
C TYR A 206 17.54 12.56 -0.78
N LEU A 207 16.65 13.53 -1.06
CA LEU A 207 15.38 13.63 -0.38
C LEU A 207 14.52 12.41 -0.72
N ARG A 208 14.58 12.00 -1.97
CA ARG A 208 13.87 10.81 -2.40
C ARG A 208 14.35 9.52 -1.72
N ASN A 209 15.67 9.37 -1.55
CA ASN A 209 16.19 8.20 -0.88
C ASN A 209 15.77 8.22 0.58
N LEU A 210 15.86 9.37 1.26
CA LEU A 210 15.48 9.45 2.65
C LEU A 210 14.00 9.10 2.81
N THR A 211 13.16 9.67 1.94
CA THR A 211 11.73 9.41 2.03
C THR A 211 11.47 7.91 1.88
N TRP A 212 12.12 7.28 0.91
CA TRP A 212 11.92 5.87 0.63
C TRP A 212 12.28 5.02 1.86
N THR A 213 13.45 5.28 2.41
CA THR A 213 13.93 4.59 3.59
C THR A 213 12.95 4.79 4.75
N LEU A 214 12.46 6.01 4.96
CA LEU A 214 11.50 6.25 6.03
C LEU A 214 10.24 5.41 5.80
N SER A 215 9.86 5.25 4.54
CA SER A 215 8.65 4.51 4.21
C SER A 215 8.85 3.04 4.55
N ASN A 216 10.07 2.52 4.35
CA ASN A 216 10.36 1.15 4.72
C ASN A 216 10.36 0.93 6.24
N LEU A 217 10.69 1.96 7.03
CA LEU A 217 10.59 1.89 8.48
C LEU A 217 9.14 1.95 8.94
N CYS A 218 8.23 2.40 8.06
CA CYS A 218 6.82 2.35 8.38
C CYS A 218 6.15 1.06 7.90
N ARG A 219 6.87 0.25 7.08
CA ARG A 219 6.30 -0.85 6.35
CA ARG A 219 6.27 -0.84 6.35
C ARG A 219 6.24 -2.10 7.22
N ASN A 220 5.29 -2.99 6.90
CA ASN A 220 5.23 -4.37 7.34
C ASN A 220 4.37 -4.47 8.60
N LYS A 221 3.77 -5.65 8.76
CA LYS A 221 2.94 -5.94 9.91
C LYS A 221 3.39 -7.28 10.51
N ASN A 222 2.77 -7.66 11.62
CA ASN A 222 3.18 -8.91 12.26
C ASN A 222 4.64 -8.83 12.66
N PRO A 223 4.99 -7.88 13.53
CA PRO A 223 4.11 -6.82 13.98
C PRO A 223 4.34 -5.53 13.20
N ALA A 224 3.48 -4.57 13.46
CA ALA A 224 3.63 -3.25 12.89
C ALA A 224 4.78 -2.55 13.63
N PRO A 225 5.30 -1.42 13.12
CA PRO A 225 6.45 -0.77 13.73
C PRO A 225 6.09 -0.34 15.14
N PRO A 226 7.07 -0.09 16.02
CA PRO A 226 6.77 0.37 17.38
C PRO A 226 6.07 1.73 17.40
N LEU A 227 5.07 1.89 18.27
CA LEU A 227 4.24 3.07 18.31
C LEU A 227 5.08 4.32 18.52
N ASP A 228 6.06 4.25 19.40
CA ASP A 228 6.93 5.39 19.63
C ASP A 228 7.77 5.73 18.39
N ALA A 229 8.21 4.77 17.59
CA ALA A 229 8.94 5.08 16.36
C ALA A 229 8.00 5.76 15.36
N VAL A 230 6.78 5.25 15.24
CA VAL A 230 5.76 5.84 14.39
C VAL A 230 5.49 7.30 14.81
N GLU A 231 5.36 7.56 16.11
CA GLU A 231 5.12 8.92 16.56
C GLU A 231 6.30 9.83 16.25
N GLN A 232 7.51 9.30 16.32
CA GLN A 232 8.70 10.10 16.05
C GLN A 232 8.78 10.47 14.57
N ILE A 233 8.37 9.54 13.70
CA ILE A 233 8.50 9.70 12.27
C ILE A 233 7.35 10.53 11.66
N LEU A 234 6.13 10.38 12.19
CA LEU A 234 4.94 10.94 11.57
C LEU A 234 5.05 12.43 11.25
N PRO A 235 5.52 13.31 12.16
CA PRO A 235 5.60 14.74 11.86
C PRO A 235 6.43 15.00 10.63
N THR A 236 7.49 14.19 10.38
CA THR A 236 8.34 14.43 9.22
C THR A 236 7.60 13.95 7.99
N LEU A 237 6.88 12.85 8.12
CA LEU A 237 6.12 12.30 7.02
C LEU A 237 5.07 13.31 6.56
N VAL A 238 4.45 14.01 7.52
CA VAL A 238 3.42 14.97 7.18
C VAL A 238 4.03 16.11 6.36
N ARG A 239 5.26 16.52 6.69
CA ARG A 239 5.98 17.54 5.95
CA ARG A 239 5.97 17.54 5.95
C ARG A 239 6.31 17.05 4.54
N LEU A 240 6.72 15.78 4.40
CA LEU A 240 7.05 15.26 3.08
C LEU A 240 5.81 15.12 2.18
N LEU A 241 4.65 14.91 2.81
CA LEU A 241 3.40 14.77 2.06
C LEU A 241 2.97 16.12 1.47
N HIS A 242 3.61 17.20 1.89
CA HIS A 242 3.36 18.51 1.31
C HIS A 242 4.48 18.97 0.38
N HIS A 243 5.50 18.15 0.12
CA HIS A 243 6.57 18.49 -0.80
C HIS A 243 6.12 18.27 -2.25
N ASN A 244 6.73 18.96 -3.23
CA ASN A 244 6.16 19.05 -4.58
C ASN A 244 6.79 18.02 -5.55
N ASP A 245 7.69 17.16 -5.08
CA ASP A 245 8.28 16.13 -5.91
C ASP A 245 7.35 14.92 -6.02
N PRO A 246 6.97 14.46 -7.24
CA PRO A 246 6.10 13.30 -7.39
C PRO A 246 6.57 12.04 -6.66
N GLU A 247 7.89 11.83 -6.61
CA GLU A 247 8.42 10.61 -6.01
C GLU A 247 8.40 10.69 -4.49
N VAL A 248 8.71 11.85 -3.94
CA VAL A 248 8.60 12.06 -2.50
C VAL A 248 7.15 11.87 -2.06
N LEU A 249 6.20 12.39 -2.85
CA LEU A 249 4.79 12.26 -2.53
C LEU A 249 4.32 10.80 -2.58
N ALA A 250 4.72 10.10 -3.62
CA ALA A 250 4.33 8.70 -3.74
C ALA A 250 4.83 7.89 -2.54
N ASP A 251 6.09 8.09 -2.15
CA ASP A 251 6.62 7.25 -1.07
C ASP A 251 6.04 7.68 0.27
N SER A 252 5.76 8.99 0.44
CA SER A 252 5.11 9.51 1.63
C SER A 252 3.71 8.90 1.79
N CYS A 253 2.93 8.89 0.71
CA CYS A 253 1.63 8.23 0.71
C CYS A 253 1.75 6.73 0.96
N TRP A 254 2.74 6.05 0.36
CA TRP A 254 2.93 4.65 0.68
C TRP A 254 3.17 4.48 2.19
N ALA A 255 4.02 5.32 2.80
CA ALA A 255 4.27 5.23 4.23
C ALA A 255 2.95 5.33 5.00
N ILE A 256 2.12 6.30 4.61
CA ILE A 256 0.86 6.54 5.29
C ILE A 256 -0.04 5.34 5.06
N SER A 257 -0.05 4.80 3.85
CA SER A 257 -0.81 3.61 3.58
C SER A 257 -0.40 2.48 4.53
N TYR A 258 0.89 2.34 4.80
CA TYR A 258 1.35 1.28 5.69
C TYR A 258 0.86 1.57 7.12
N LEU A 259 0.98 2.82 7.57
CA LEU A 259 0.66 3.14 8.95
C LEU A 259 -0.84 3.00 9.22
N THR A 260 -1.68 3.09 8.16
CA THR A 260 -3.12 3.05 8.28
C THR A 260 -3.66 1.63 8.10
N ASP A 261 -2.78 0.71 7.69
CA ASP A 261 -3.18 -0.67 7.51
C ASP A 261 -3.07 -1.40 8.85
N GLY A 262 -4.00 -1.13 9.74
CA GLY A 262 -4.03 -1.81 11.02
C GLY A 262 -5.35 -1.55 11.76
N PRO A 263 -5.36 -1.77 13.09
CA PRO A 263 -6.52 -1.43 13.90
C PRO A 263 -6.76 0.08 14.03
N ASN A 264 -7.96 0.39 14.51
CA ASN A 264 -8.47 1.76 14.59
C ASN A 264 -7.49 2.67 15.31
N GLU A 265 -6.70 2.14 16.25
CA GLU A 265 -5.77 2.93 17.04
C GLU A 265 -4.62 3.41 16.15
N ARG A 266 -4.13 2.55 15.24
CA ARG A 266 -3.09 2.97 14.31
C ARG A 266 -3.60 4.06 13.37
N ILE A 267 -4.81 3.86 12.82
CA ILE A 267 -5.45 4.81 11.92
C ILE A 267 -5.55 6.16 12.62
N GLU A 268 -5.89 6.11 13.92
CA GLU A 268 -6.15 7.32 14.69
C GLU A 268 -4.88 8.17 14.84
N MET A 269 -3.74 7.53 15.08
CA MET A 269 -2.46 8.25 15.09
C MET A 269 -2.30 9.12 13.84
N VAL A 270 -2.64 8.57 12.68
CA VAL A 270 -2.44 9.25 11.40
C VAL A 270 -3.51 10.33 11.24
N VAL A 271 -4.77 9.91 11.43
CA VAL A 271 -5.89 10.80 11.19
C VAL A 271 -5.78 12.00 12.13
N LYS A 272 -5.24 11.79 13.34
CA LYS A 272 -5.12 12.84 14.34
C LYS A 272 -4.08 13.88 13.91
N LYS A 273 -3.18 13.57 12.97
CA LYS A 273 -2.16 14.53 12.56
C LYS A 273 -2.67 15.52 11.51
N GLY A 274 -3.91 15.31 11.07
CA GLY A 274 -4.59 16.21 10.15
C GLY A 274 -4.28 15.98 8.67
N VAL A 275 -3.80 14.77 8.29
CA VAL A 275 -3.33 14.52 6.92
C VAL A 275 -4.47 14.17 5.95
N VAL A 276 -5.68 13.90 6.44
CA VAL A 276 -6.70 13.40 5.55
C VAL A 276 -6.97 14.36 4.39
N PRO A 277 -7.14 15.68 4.62
CA PRO A 277 -7.31 16.63 3.51
C PRO A 277 -6.19 16.56 2.48
N GLN A 278 -4.93 16.42 2.91
CA GLN A 278 -3.83 16.36 1.98
C GLN A 278 -3.89 15.04 1.22
N LEU A 279 -4.32 13.96 1.89
CA LEU A 279 -4.48 12.70 1.16
C LEU A 279 -5.51 12.83 0.06
N VAL A 280 -6.61 13.53 0.35
CA VAL A 280 -7.70 13.68 -0.59
C VAL A 280 -7.24 14.54 -1.76
N LYS A 281 -6.47 15.58 -1.48
CA LYS A 281 -5.89 16.35 -2.56
C LYS A 281 -5.01 15.44 -3.42
N LEU A 282 -4.19 14.58 -2.80
CA LEU A 282 -3.30 13.71 -3.56
C LEU A 282 -4.08 12.67 -4.37
N LEU A 283 -5.27 12.29 -3.87
CA LEU A 283 -6.19 11.39 -4.54
C LEU A 283 -6.62 11.95 -5.88
N GLY A 284 -6.62 13.29 -5.98
CA GLY A 284 -6.99 14.01 -7.18
C GLY A 284 -5.84 14.21 -8.18
N ALA A 285 -4.65 13.71 -7.88
CA ALA A 285 -3.48 13.94 -8.72
C ALA A 285 -3.54 13.23 -10.07
N THR A 286 -2.68 13.67 -10.99
CA THR A 286 -2.58 13.10 -12.33
C THR A 286 -1.74 11.83 -12.30
N GLU A 287 -0.65 11.88 -11.52
CA GLU A 287 0.33 10.81 -11.47
C GLU A 287 -0.28 9.60 -10.77
N LEU A 288 -0.40 8.49 -11.50
CA LEU A 288 -0.94 7.25 -10.97
C LEU A 288 -0.10 6.73 -9.81
N PRO A 289 1.25 6.90 -9.82
CA PRO A 289 2.09 6.52 -8.67
C PRO A 289 1.76 7.28 -7.38
N ILE A 290 1.06 8.41 -7.47
CA ILE A 290 0.64 9.10 -6.27
C ILE A 290 -0.75 8.65 -5.88
N VAL A 291 -1.62 8.50 -6.86
CA VAL A 291 -3.02 8.19 -6.60
C VAL A 291 -3.08 6.79 -5.99
N THR A 292 -2.26 5.86 -6.50
CA THR A 292 -2.39 4.49 -6.04
C THR A 292 -2.20 4.44 -4.51
N PRO A 293 -1.08 4.90 -3.93
CA PRO A 293 -0.93 4.91 -2.48
C PRO A 293 -1.91 5.79 -1.71
N ALA A 294 -2.28 6.96 -2.26
CA ALA A 294 -3.24 7.84 -1.61
C ALA A 294 -4.58 7.16 -1.45
N LEU A 295 -5.00 6.41 -2.48
CA LEU A 295 -6.28 5.72 -2.44
C LEU A 295 -6.23 4.57 -1.45
N ARG A 296 -5.13 3.82 -1.43
CA ARG A 296 -4.94 2.75 -0.47
C ARG A 296 -5.04 3.30 0.97
N ALA A 297 -4.40 4.44 1.24
CA ALA A 297 -4.45 5.06 2.54
C ALA A 297 -5.89 5.46 2.88
N ILE A 298 -6.60 6.06 1.93
CA ILE A 298 -7.96 6.51 2.19
C ILE A 298 -8.85 5.30 2.46
N GLY A 299 -8.65 4.24 1.69
CA GLY A 299 -9.39 3.01 1.85
C GLY A 299 -9.16 2.38 3.23
N ASN A 300 -7.90 2.37 3.68
CA ASN A 300 -7.53 1.84 4.98
C ASN A 300 -8.26 2.64 6.06
N ILE A 301 -8.21 3.96 5.94
CA ILE A 301 -8.80 4.81 6.96
C ILE A 301 -10.29 4.50 7.11
N VAL A 302 -11.00 4.12 6.03
CA VAL A 302 -12.45 3.99 6.12
C VAL A 302 -12.80 2.60 6.60
N THR A 303 -11.79 1.76 6.83
CA THR A 303 -12.04 0.51 7.51
C THR A 303 -12.13 0.73 9.03
N GLY A 304 -11.90 1.95 9.50
CA GLY A 304 -11.92 2.23 10.92
C GLY A 304 -13.34 2.54 11.40
N THR A 305 -13.42 3.48 12.34
CA THR A 305 -14.68 3.89 12.92
C THR A 305 -15.45 4.72 11.89
N ASP A 306 -16.73 4.96 12.16
CA ASP A 306 -17.55 5.83 11.34
C ASP A 306 -17.12 7.29 11.48
N GLU A 307 -16.54 7.64 12.64
CA GLU A 307 -16.01 8.98 12.88
C GLU A 307 -14.72 9.18 12.08
N GLN A 308 -13.90 8.13 11.94
CA GLN A 308 -12.74 8.19 11.06
C GLN A 308 -13.18 8.27 9.59
N THR A 309 -14.24 7.53 9.24
CA THR A 309 -14.79 7.59 7.90
C THR A 309 -15.28 8.98 7.55
N GLN A 310 -15.85 9.67 8.54
CA GLN A 310 -16.45 10.97 8.33
C GLN A 310 -15.39 12.01 7.98
N LYS A 311 -14.18 11.84 8.52
CA LYS A 311 -13.10 12.77 8.22
C LYS A 311 -12.78 12.77 6.74
N VAL A 312 -12.81 11.58 6.15
CA VAL A 312 -12.54 11.39 4.73
C VAL A 312 -13.64 12.07 3.91
N ILE A 313 -14.90 11.84 4.30
CA ILE A 313 -16.04 12.47 3.64
C ILE A 313 -15.96 13.98 3.78
N ASP A 314 -15.69 14.46 5.01
CA ASP A 314 -15.63 15.89 5.31
C ASP A 314 -14.52 16.58 4.53
N ALA A 315 -13.45 15.84 4.21
CA ALA A 315 -12.32 16.37 3.44
C ALA A 315 -12.62 16.44 1.93
N GLY A 316 -13.75 15.90 1.49
CA GLY A 316 -14.18 16.09 0.11
C GLY A 316 -13.90 14.88 -0.79
N ALA A 317 -13.67 13.73 -0.19
CA ALA A 317 -13.15 12.59 -0.93
C ALA A 317 -14.15 12.12 -1.99
N LEU A 318 -15.44 12.14 -1.65
CA LEU A 318 -16.44 11.51 -2.49
C LEU A 318 -16.52 12.21 -3.86
N ALA A 319 -16.01 13.43 -3.98
CA ALA A 319 -16.09 14.19 -5.22
C ALA A 319 -15.11 13.69 -6.27
N VAL A 320 -14.16 12.84 -5.89
CA VAL A 320 -13.15 12.29 -6.77
C VAL A 320 -13.56 10.92 -7.30
N PHE A 321 -14.57 10.30 -6.69
CA PHE A 321 -14.88 8.91 -6.96
C PHE A 321 -15.52 8.73 -8.32
N PRO A 322 -16.25 9.70 -8.90
CA PRO A 322 -16.72 9.54 -10.27
C PRO A 322 -15.58 9.16 -11.20
N SER A 323 -14.42 9.84 -11.10
CA SER A 323 -13.20 9.51 -11.84
C SER A 323 -12.59 8.18 -11.42
N LEU A 324 -12.52 7.93 -10.10
CA LEU A 324 -11.87 6.74 -9.59
C LEU A 324 -12.65 5.49 -10.00
N LEU A 325 -13.98 5.56 -9.94
CA LEU A 325 -14.78 4.38 -10.24
C LEU A 325 -14.90 4.15 -11.74
N THR A 326 -14.39 5.08 -12.59
CA THR A 326 -14.29 4.93 -14.04
C THR A 326 -12.84 4.96 -14.54
N ASN A 327 -11.89 4.89 -13.61
CA ASN A 327 -10.49 4.99 -13.93
C ASN A 327 -10.09 3.83 -14.83
N PRO A 328 -9.24 4.09 -15.85
CA PRO A 328 -8.81 3.04 -16.76
C PRO A 328 -7.92 2.00 -16.12
N LYS A 329 -7.26 2.27 -14.99
CA LYS A 329 -6.49 1.24 -14.30
C LYS A 329 -7.40 0.39 -13.46
N THR A 330 -7.46 -0.89 -13.79
CA THR A 330 -8.22 -1.89 -13.06
C THR A 330 -8.07 -1.74 -11.54
N ASN A 331 -6.82 -1.61 -11.06
CA ASN A 331 -6.53 -1.63 -9.64
C ASN A 331 -7.14 -0.42 -8.94
N ILE A 332 -7.17 0.74 -9.60
CA ILE A 332 -7.73 1.94 -9.00
C ILE A 332 -9.25 1.76 -8.84
N GLN A 333 -9.87 1.16 -9.86
CA GLN A 333 -11.30 0.91 -9.85
C GLN A 333 -11.63 -0.08 -8.75
N LYS A 334 -10.84 -1.13 -8.65
CA LYS A 334 -11.03 -2.12 -7.61
C LYS A 334 -10.97 -1.45 -6.24
N GLU A 335 -9.92 -0.66 -6.01
CA GLU A 335 -9.63 -0.15 -4.69
C GLU A 335 -10.61 0.97 -4.30
N ALA A 336 -11.07 1.71 -5.32
CA ALA A 336 -12.06 2.75 -5.11
C ALA A 336 -13.41 2.10 -4.79
N THR A 337 -13.71 0.95 -5.40
CA THR A 337 -14.98 0.30 -5.14
C THR A 337 -14.94 -0.31 -3.74
N TRP A 338 -13.77 -0.86 -3.38
CA TRP A 338 -13.54 -1.40 -2.05
C TRP A 338 -13.74 -0.31 -1.00
N THR A 339 -13.17 0.88 -1.27
CA THR A 339 -13.34 2.04 -0.41
C THR A 339 -14.83 2.39 -0.25
N MET A 340 -15.58 2.41 -1.36
CA MET A 340 -17.00 2.69 -1.34
C MET A 340 -17.72 1.69 -0.44
N SER A 341 -17.38 0.41 -0.54
CA SER A 341 -18.02 -0.63 0.27
C SER A 341 -17.88 -0.31 1.75
N ASN A 342 -16.73 0.21 2.17
CA ASN A 342 -16.55 0.53 3.59
C ASN A 342 -17.20 1.85 3.91
N ILE A 343 -17.55 2.68 2.92
CA ILE A 343 -18.34 3.86 3.25
C ILE A 343 -19.83 3.47 3.27
N THR A 344 -20.24 2.52 2.42
CA THR A 344 -21.64 2.14 2.44
C THR A 344 -21.95 1.34 3.69
N ALA A 345 -20.90 0.87 4.37
CA ALA A 345 -21.04 0.13 5.60
C ALA A 345 -21.25 1.06 6.78
N GLY A 346 -21.21 2.37 6.53
CA GLY A 346 -21.35 3.34 7.60
C GLY A 346 -22.81 3.64 7.98
N ARG A 347 -22.95 4.80 8.61
CA ARG A 347 -24.20 5.36 9.07
C ARG A 347 -25.05 5.78 7.86
N GLN A 348 -26.36 5.94 8.11
CA GLN A 348 -27.31 6.29 7.07
C GLN A 348 -27.06 7.68 6.51
N ASP A 349 -26.56 8.62 7.34
CA ASP A 349 -26.19 9.98 6.90
C ASP A 349 -24.96 9.92 5.99
N GLN A 350 -24.13 8.90 6.17
CA GLN A 350 -22.95 8.70 5.34
C GLN A 350 -23.38 8.10 4.01
N ILE A 351 -24.26 7.09 4.08
CA ILE A 351 -24.87 6.57 2.87
C ILE A 351 -25.53 7.69 2.08
N GLN A 352 -26.11 8.67 2.78
CA GLN A 352 -26.84 9.74 2.11
C GLN A 352 -25.87 10.65 1.36
N GLN A 353 -24.67 10.83 1.92
CA GLN A 353 -23.65 11.61 1.23
C GLN A 353 -23.16 10.90 -0.04
N VAL A 354 -23.12 9.56 -0.04
CA VAL A 354 -22.85 8.77 -1.23
C VAL A 354 -23.91 9.07 -2.29
N VAL A 355 -25.18 9.06 -1.86
CA VAL A 355 -26.30 9.38 -2.71
C VAL A 355 -26.15 10.81 -3.24
N ASN A 356 -25.87 11.79 -2.38
CA ASN A 356 -25.87 13.20 -2.80
C ASN A 356 -24.74 13.48 -3.80
N HIS A 357 -23.61 12.76 -3.72
CA HIS A 357 -22.45 12.98 -4.56
C HIS A 357 -22.66 12.31 -5.92
N GLY A 358 -23.72 11.54 -6.05
CA GLY A 358 -24.12 11.00 -7.33
C GLY A 358 -23.45 9.67 -7.60
N LEU A 359 -23.10 8.91 -6.54
CA LEU A 359 -22.20 7.79 -6.70
C LEU A 359 -22.95 6.47 -6.87
N VAL A 360 -24.27 6.50 -6.66
CA VAL A 360 -24.97 5.23 -6.77
C VAL A 360 -24.96 4.78 -8.23
N PRO A 361 -25.19 5.68 -9.21
CA PRO A 361 -25.09 5.31 -10.61
C PRO A 361 -23.73 4.78 -11.02
N PHE A 362 -22.67 5.31 -10.37
CA PHE A 362 -21.33 4.78 -10.57
C PHE A 362 -21.20 3.36 -10.04
N LEU A 363 -21.84 3.08 -8.89
CA LEU A 363 -21.79 1.71 -8.40
C LEU A 363 -22.56 0.81 -9.34
N VAL A 364 -23.70 1.27 -9.83
CA VAL A 364 -24.46 0.50 -10.81
C VAL A 364 -23.57 0.19 -12.01
N GLY A 365 -22.88 1.23 -12.47
CA GLY A 365 -21.90 1.15 -13.54
C GLY A 365 -20.86 0.06 -13.32
N VAL A 366 -20.25 0.04 -12.16
CA VAL A 366 -19.15 -0.89 -11.92
C VAL A 366 -19.72 -2.30 -11.82
N LEU A 367 -20.91 -2.41 -11.23
CA LEU A 367 -21.57 -3.69 -11.15
C LEU A 367 -21.86 -4.22 -12.55
N SER A 368 -22.30 -3.33 -13.43
CA SER A 368 -22.65 -3.69 -14.79
C SER A 368 -21.44 -4.14 -15.61
N LYS A 369 -20.30 -3.47 -15.50
CA LYS A 369 -19.18 -3.77 -16.37
C LYS A 369 -17.89 -3.31 -15.71
N ALA A 370 -17.07 -4.30 -15.33
CA ALA A 370 -15.76 -4.06 -14.77
C ALA A 370 -15.02 -5.40 -14.76
N ASP A 371 -13.72 -5.36 -14.44
CA ASP A 371 -13.04 -6.57 -14.01
C ASP A 371 -13.86 -7.23 -12.88
N PHE A 372 -13.91 -8.55 -12.90
CA PHE A 372 -14.70 -9.33 -11.96
C PHE A 372 -14.42 -8.95 -10.50
N LYS A 373 -13.14 -8.77 -10.17
CA LYS A 373 -12.77 -8.51 -8.78
C LYS A 373 -13.37 -7.16 -8.34
N THR A 374 -13.43 -6.19 -9.27
CA THR A 374 -14.08 -4.92 -9.01
C THR A 374 -15.58 -5.18 -8.84
N GLN A 375 -16.16 -6.04 -9.69
CA GLN A 375 -17.59 -6.26 -9.56
C GLN A 375 -17.90 -6.88 -8.21
N LYS A 376 -16.96 -7.69 -7.71
CA LYS A 376 -17.15 -8.34 -6.42
C LYS A 376 -17.18 -7.28 -5.31
N GLU A 377 -16.26 -6.30 -5.39
CA GLU A 377 -16.27 -5.22 -4.40
C GLU A 377 -17.56 -4.41 -4.51
N ALA A 378 -18.10 -4.28 -5.75
CA ALA A 378 -19.31 -3.51 -5.95
C ALA A 378 -20.48 -4.25 -5.31
N ALA A 379 -20.47 -5.56 -5.40
CA ALA A 379 -21.51 -6.36 -4.79
C ALA A 379 -21.49 -6.12 -3.28
N TRP A 380 -20.30 -6.21 -2.69
CA TRP A 380 -20.17 -5.89 -1.28
C TRP A 380 -20.74 -4.50 -0.97
N ALA A 381 -20.36 -3.49 -1.79
CA ALA A 381 -20.80 -2.13 -1.53
C ALA A 381 -22.33 -2.05 -1.49
N ILE A 382 -22.99 -2.80 -2.38
CA ILE A 382 -24.45 -2.82 -2.46
C ILE A 382 -25.03 -3.53 -1.23
N THR A 383 -24.51 -4.73 -0.91
CA THR A 383 -24.99 -5.45 0.25
C THR A 383 -24.84 -4.58 1.50
N ASN A 384 -23.72 -3.87 1.64
CA ASN A 384 -23.53 -3.03 2.82
C ASN A 384 -24.59 -1.91 2.82
N TYR A 385 -24.83 -1.31 1.64
CA TYR A 385 -25.75 -0.20 1.50
C TYR A 385 -27.16 -0.65 1.90
N THR A 386 -27.56 -1.81 1.36
CA THR A 386 -28.90 -2.32 1.60
C THR A 386 -29.07 -2.75 3.06
N SER A 387 -27.97 -3.22 3.65
CA SER A 387 -27.96 -3.63 5.04
C SER A 387 -28.17 -2.44 5.96
N GLY A 388 -27.58 -1.28 5.67
CA GLY A 388 -27.58 -0.14 6.59
C GLY A 388 -28.54 0.99 6.21
N GLY A 389 -29.01 1.01 4.96
CA GLY A 389 -29.78 2.14 4.47
C GLY A 389 -31.24 2.16 4.94
N THR A 390 -31.80 3.37 4.98
CA THR A 390 -33.23 3.60 5.08
C THR A 390 -33.95 3.02 3.87
N VAL A 391 -35.28 2.94 4.00
CA VAL A 391 -36.15 2.42 2.96
C VAL A 391 -36.06 3.29 1.70
N GLU A 392 -36.09 4.60 1.90
CA GLU A 392 -35.99 5.57 0.84
C GLU A 392 -34.67 5.36 0.05
N GLN A 393 -33.58 5.02 0.75
CA GLN A 393 -32.27 4.93 0.12
C GLN A 393 -32.24 3.68 -0.72
N ILE A 394 -32.89 2.62 -0.23
CA ILE A 394 -32.92 1.35 -0.95
C ILE A 394 -33.81 1.48 -2.18
N VAL A 395 -34.87 2.27 -2.07
CA VAL A 395 -35.77 2.52 -3.19
C VAL A 395 -34.99 3.26 -4.29
N TYR A 396 -34.27 4.32 -3.92
CA TYR A 396 -33.41 5.05 -4.83
C TYR A 396 -32.46 4.11 -5.58
N LEU A 397 -31.82 3.21 -4.83
CA LEU A 397 -30.86 2.29 -5.42
C LEU A 397 -31.53 1.47 -6.52
N VAL A 398 -32.76 1.00 -6.29
CA VAL A 398 -33.49 0.22 -7.29
C VAL A 398 -33.88 1.10 -8.49
N HIS A 399 -34.28 2.36 -8.25
CA HIS A 399 -34.62 3.32 -9.30
CA HIS A 399 -34.63 3.30 -9.30
C HIS A 399 -33.39 3.60 -10.18
N CYS A 400 -32.17 3.48 -9.63
CA CYS A 400 -30.97 3.72 -10.39
C CYS A 400 -30.56 2.53 -11.25
N GLY A 401 -31.19 1.38 -11.04
CA GLY A 401 -31.06 0.25 -11.96
C GLY A 401 -30.22 -0.89 -11.43
N ILE A 402 -30.23 -1.14 -10.11
CA ILE A 402 -29.31 -2.11 -9.53
C ILE A 402 -29.73 -3.55 -9.84
N ILE A 403 -31.02 -3.77 -10.11
CA ILE A 403 -31.57 -5.12 -10.09
C ILE A 403 -30.98 -5.94 -11.23
N GLU A 404 -31.05 -5.45 -12.47
CA GLU A 404 -30.56 -6.23 -13.59
C GLU A 404 -29.07 -6.61 -13.42
N PRO A 405 -28.14 -5.66 -13.18
CA PRO A 405 -26.74 -6.04 -13.03
C PRO A 405 -26.44 -6.96 -11.83
N LEU A 406 -27.16 -6.85 -10.71
CA LEU A 406 -27.02 -7.81 -9.62
C LEU A 406 -27.36 -9.21 -10.09
N MET A 407 -28.49 -9.32 -10.79
CA MET A 407 -29.00 -10.61 -11.26
C MET A 407 -28.05 -11.20 -12.29
N ASN A 408 -27.38 -10.35 -13.09
CA ASN A 408 -26.48 -10.84 -14.13
C ASN A 408 -25.28 -11.52 -13.46
N LEU A 409 -24.93 -11.08 -12.25
CA LEU A 409 -23.74 -11.55 -11.58
C LEU A 409 -23.98 -12.83 -10.79
N LEU A 410 -25.24 -13.31 -10.73
CA LEU A 410 -25.55 -14.59 -10.13
C LEU A 410 -25.11 -15.74 -11.03
N SER A 411 -24.74 -15.45 -12.27
CA SER A 411 -24.15 -16.42 -13.17
C SER A 411 -22.66 -16.59 -12.88
N ALA A 412 -22.16 -16.02 -11.77
CA ALA A 412 -20.73 -16.02 -11.54
C ALA A 412 -20.33 -17.38 -11.00
N LYS A 413 -19.06 -17.72 -11.24
CA LYS A 413 -18.45 -18.93 -10.72
C LYS A 413 -17.69 -18.60 -9.44
N ASP A 414 -18.33 -17.90 -8.51
CA ASP A 414 -17.70 -17.50 -7.26
C ASP A 414 -18.77 -17.58 -6.18
N THR A 415 -18.62 -18.56 -5.29
CA THR A 415 -19.68 -18.86 -4.34
C THR A 415 -19.88 -17.63 -3.43
N LYS A 416 -18.79 -16.93 -3.10
CA LYS A 416 -18.91 -15.77 -2.19
C LYS A 416 -19.82 -14.67 -2.77
N ILE A 417 -19.63 -14.29 -4.04
CA ILE A 417 -20.36 -13.16 -4.58
C ILE A 417 -21.84 -13.53 -4.65
N ILE A 418 -22.13 -14.81 -4.89
CA ILE A 418 -23.52 -15.23 -4.91
C ILE A 418 -24.16 -14.98 -3.54
N GLN A 419 -23.42 -15.26 -2.47
CA GLN A 419 -23.99 -15.11 -1.14
C GLN A 419 -24.21 -13.64 -0.81
N VAL A 420 -23.26 -12.81 -1.23
CA VAL A 420 -23.35 -11.36 -1.12
C VAL A 420 -24.57 -10.82 -1.88
N ILE A 421 -24.73 -11.27 -3.14
CA ILE A 421 -25.82 -10.76 -3.96
C ILE A 421 -27.16 -11.21 -3.39
N LEU A 422 -27.22 -12.47 -2.96
CA LEU A 422 -28.44 -13.01 -2.39
C LEU A 422 -28.83 -12.23 -1.13
N ASP A 423 -27.84 -11.91 -0.29
CA ASP A 423 -28.09 -11.08 0.89
C ASP A 423 -28.72 -9.76 0.48
N ALA A 424 -28.22 -9.19 -0.62
CA ALA A 424 -28.65 -7.88 -1.03
C ALA A 424 -30.09 -7.96 -1.53
N ILE A 425 -30.42 -8.99 -2.33
CA ILE A 425 -31.80 -9.19 -2.76
C ILE A 425 -32.72 -9.26 -1.54
N SER A 426 -32.31 -10.09 -0.56
CA SER A 426 -33.09 -10.24 0.67
C SER A 426 -33.36 -8.88 1.31
N ASN A 427 -32.31 -8.04 1.47
CA ASN A 427 -32.48 -6.77 2.17
C ASN A 427 -33.40 -5.83 1.39
N ILE A 428 -33.35 -5.96 0.06
CA ILE A 428 -34.16 -5.13 -0.81
C ILE A 428 -35.61 -5.59 -0.67
N PHE A 429 -35.82 -6.91 -0.67
CA PHE A 429 -37.15 -7.44 -0.41
C PHE A 429 -37.66 -6.97 0.93
N GLN A 430 -36.81 -7.01 1.96
CA GLN A 430 -37.23 -6.50 3.24
C GLN A 430 -37.74 -5.06 3.14
N ALA A 431 -37.12 -4.24 2.29
CA ALA A 431 -37.54 -2.85 2.20
C ALA A 431 -38.86 -2.76 1.42
N ALA A 432 -39.03 -3.68 0.47
CA ALA A 432 -40.27 -3.79 -0.29
C ALA A 432 -41.43 -4.28 0.60
N GLU A 433 -41.15 -5.24 1.49
CA GLU A 433 -42.11 -5.71 2.47
C GLU A 433 -42.67 -4.55 3.29
N LYS A 434 -41.80 -3.60 3.69
CA LYS A 434 -42.24 -2.44 4.48
C LYS A 434 -43.03 -1.44 3.65
N LEU A 435 -43.03 -1.59 2.31
CA LEU A 435 -43.76 -0.70 1.42
C LEU A 435 -44.94 -1.41 0.77
N GLY A 436 -45.06 -2.72 0.99
CA GLY A 436 -46.00 -3.57 0.28
C GLY A 436 -45.77 -3.54 -1.22
N GLU A 437 -44.52 -3.77 -1.64
CA GLU A 437 -44.18 -3.72 -3.06
C GLU A 437 -43.40 -4.97 -3.42
N THR A 438 -43.54 -6.03 -2.62
CA THR A 438 -42.82 -7.26 -2.86
C THR A 438 -43.14 -7.79 -4.26
N GLU A 439 -44.33 -7.46 -4.76
CA GLU A 439 -44.79 -7.97 -6.05
C GLU A 439 -44.02 -7.28 -7.17
N LYS A 440 -43.95 -5.93 -7.14
CA LYS A 440 -43.26 -5.21 -8.20
C LYS A 440 -41.82 -5.69 -8.30
N LEU A 441 -41.16 -5.88 -7.15
CA LEU A 441 -39.77 -6.29 -7.18
C LEU A 441 -39.65 -7.70 -7.76
N SER A 442 -40.59 -8.57 -7.38
CA SER A 442 -40.62 -9.94 -7.86
C SER A 442 -40.67 -9.94 -9.37
N ILE A 443 -41.48 -9.02 -9.93
CA ILE A 443 -41.71 -8.92 -11.37
C ILE A 443 -40.42 -8.45 -12.05
N MET A 444 -39.81 -7.39 -11.50
CA MET A 444 -38.56 -6.88 -12.02
C MET A 444 -37.51 -7.98 -12.07
N ILE A 445 -37.43 -8.77 -10.99
CA ILE A 445 -36.40 -9.80 -10.91
C ILE A 445 -36.69 -10.89 -11.92
N GLU A 446 -37.99 -11.16 -12.11
CA GLU A 446 -38.43 -12.17 -13.07
C GLU A 446 -38.13 -11.70 -14.49
N GLU A 447 -38.33 -10.40 -14.76
CA GLU A 447 -38.30 -9.84 -16.11
C GLU A 447 -36.88 -9.71 -16.67
N CYS A 448 -35.87 -9.60 -15.82
CA CYS A 448 -34.52 -9.40 -16.31
C CYS A 448 -33.72 -10.72 -16.32
N GLY A 449 -34.37 -11.83 -15.94
CA GLY A 449 -33.74 -13.15 -15.98
C GLY A 449 -33.36 -13.66 -14.60
N GLY A 450 -33.88 -13.00 -13.55
CA GLY A 450 -33.42 -13.22 -12.19
C GLY A 450 -33.99 -14.49 -11.58
N LEU A 451 -35.31 -14.65 -11.71
CA LEU A 451 -35.99 -15.78 -11.10
C LEU A 451 -35.36 -17.09 -11.56
N ASP A 452 -35.07 -17.21 -12.87
CA ASP A 452 -34.42 -18.40 -13.40
C ASP A 452 -33.21 -18.79 -12.56
N LYS A 453 -32.37 -17.79 -12.28
CA LYS A 453 -31.06 -18.04 -11.70
C LYS A 453 -31.21 -18.37 -10.22
N ILE A 454 -32.05 -17.62 -9.51
CA ILE A 454 -32.29 -17.88 -8.09
C ILE A 454 -32.84 -19.30 -7.92
N GLU A 455 -33.75 -19.71 -8.83
CA GLU A 455 -34.31 -21.05 -8.82
C GLU A 455 -33.18 -22.08 -8.95
N ALA A 456 -32.41 -22.00 -10.06
CA ALA A 456 -31.28 -22.88 -10.30
C ALA A 456 -30.41 -23.03 -9.05
N LEU A 457 -30.22 -21.92 -8.33
CA LEU A 457 -29.33 -21.88 -7.17
C LEU A 457 -29.89 -22.65 -5.97
N GLN A 458 -31.19 -22.97 -5.95
CA GLN A 458 -31.72 -23.87 -4.93
C GLN A 458 -31.03 -25.24 -5.03
N ARG A 459 -30.30 -25.49 -6.13
CA ARG A 459 -29.62 -26.76 -6.35
C ARG A 459 -28.13 -26.51 -6.53
N HIS A 460 -27.52 -25.85 -5.52
CA HIS A 460 -26.12 -25.46 -5.60
C HIS A 460 -25.34 -26.14 -4.48
N GLU A 461 -24.08 -26.48 -4.78
CA GLU A 461 -23.13 -27.09 -3.87
C GLU A 461 -23.23 -26.45 -2.47
N ASN A 462 -22.95 -25.15 -2.37
CA ASN A 462 -22.86 -24.46 -1.09
C ASN A 462 -24.21 -24.47 -0.38
N GLU A 463 -24.15 -24.54 0.96
CA GLU A 463 -25.34 -24.61 1.77
C GLU A 463 -26.05 -23.25 1.79
N SER A 464 -25.37 -22.18 2.25
CA SER A 464 -25.98 -20.86 2.34
C SER A 464 -26.66 -20.47 1.04
N VAL A 465 -26.03 -20.82 -0.09
CA VAL A 465 -26.57 -20.52 -1.41
C VAL A 465 -27.97 -21.12 -1.51
N TYR A 466 -28.04 -22.47 -1.43
CA TYR A 466 -29.28 -23.20 -1.73
C TYR A 466 -30.34 -22.78 -0.73
N LYS A 467 -29.91 -22.52 0.51
CA LYS A 467 -30.80 -22.10 1.58
C LYS A 467 -31.45 -20.75 1.26
N ALA A 468 -30.62 -19.72 1.08
CA ALA A 468 -31.12 -18.36 0.87
C ALA A 468 -31.90 -18.30 -0.44
N SER A 469 -31.47 -19.09 -1.44
CA SER A 469 -32.22 -19.25 -2.69
C SER A 469 -33.64 -19.73 -2.42
N LEU A 470 -33.79 -20.87 -1.73
CA LEU A 470 -35.10 -21.46 -1.46
C LEU A 470 -35.96 -20.52 -0.60
N ASN A 471 -35.37 -19.82 0.37
CA ASN A 471 -36.12 -18.86 1.19
C ASN A 471 -36.74 -17.76 0.33
N LEU A 472 -35.98 -17.23 -0.66
CA LEU A 472 -36.45 -16.13 -1.50
C LEU A 472 -37.60 -16.59 -2.39
N ILE A 473 -37.40 -17.76 -3.04
CA ILE A 473 -38.40 -18.39 -3.89
C ILE A 473 -39.72 -18.57 -3.13
N GLU A 474 -39.63 -19.20 -1.96
CA GLU A 474 -40.82 -19.64 -1.26
C GLU A 474 -41.55 -18.40 -0.73
N LYS A 475 -40.82 -17.36 -0.32
CA LYS A 475 -41.49 -16.21 0.28
C LYS A 475 -42.05 -15.26 -0.78
N TYR A 476 -41.46 -15.23 -1.98
CA TYR A 476 -41.73 -14.14 -2.89
C TYR A 476 -42.13 -14.65 -4.28
N PHE A 477 -41.73 -15.88 -4.60
CA PHE A 477 -42.01 -16.45 -5.91
C PHE A 477 -42.82 -17.75 -5.76
N PRO B 1 -23.80 -4.22 7.57
CA PRO B 1 -22.92 -3.04 7.56
C PRO B 1 -21.57 -3.36 8.21
N VAL B 2 -20.89 -4.40 7.66
CA VAL B 2 -19.67 -5.00 8.21
C VAL B 2 -18.44 -4.55 7.39
N LYS B 3 -17.54 -3.78 8.01
CA LYS B 3 -16.34 -3.26 7.36
C LYS B 3 -15.30 -4.39 7.26
N LYS B 4 -14.49 -4.37 6.18
CA LYS B 4 -13.56 -5.45 5.85
C LYS B 4 -12.28 -4.87 5.23
N GLU B 5 -11.10 -5.31 5.72
CA GLU B 5 -9.81 -4.65 5.49
C GLU B 5 -9.03 -5.36 4.38
N LYS B 6 -7.88 -4.78 3.96
CA LYS B 6 -6.94 -5.42 3.05
C LYS B 6 -5.60 -4.67 3.12
N PRO C 1 10.33 -0.60 -4.85
CA PRO C 1 9.76 -1.83 -4.27
C PRO C 1 10.30 -1.91 -2.85
N VAL C 2 10.26 -3.11 -2.22
CA VAL C 2 10.88 -3.36 -0.91
C VAL C 2 12.38 -3.00 -0.93
N LYS C 3 13.11 -3.43 -1.96
CA LYS C 3 14.55 -3.23 -2.02
C LYS C 3 14.90 -2.61 -3.36
N LYS C 4 16.02 -1.89 -3.44
CA LYS C 4 16.42 -1.35 -4.74
C LYS C 4 17.93 -1.33 -4.88
N GLU C 5 18.39 -1.88 -6.02
CA GLU C 5 19.81 -1.92 -6.40
C GLU C 5 20.19 -0.51 -6.85
N LYS C 6 21.41 -0.04 -6.55
CA LYS C 6 21.98 1.13 -7.21
C LYS C 6 22.79 0.69 -8.44
N ILE C 7 22.47 1.20 -9.64
CA ILE C 7 23.01 0.69 -10.90
C ILE C 7 24.16 1.55 -11.46
N ASP C 8 24.10 2.88 -11.35
CA ASP C 8 25.23 3.73 -11.76
C ASP C 8 25.10 5.12 -11.13
N GLU C 9 26.23 5.86 -11.09
CA GLU C 9 26.34 7.24 -10.61
C GLU C 9 27.80 7.69 -10.76
C1 GOL D . 1.10 -2.51 5.72
O1 GOL D . 2.11 -2.27 6.69
C2 GOL D . 1.56 -3.42 4.60
O2 GOL D . 0.91 -3.02 3.40
C3 GOL D . 3.07 -3.45 4.43
O3 GOL D . 3.47 -4.16 3.24
C1 GOL E . 31.25 9.71 9.21
O1 GOL E . 30.93 9.18 10.50
C2 GOL E . 32.75 9.69 8.92
O2 GOL E . 33.21 8.33 8.96
C3 GOL E . 33.16 10.37 7.62
O3 GOL E . 32.65 9.79 6.42
C1 GOL F . 16.15 -13.28 10.03
O1 GOL F . 16.94 -14.28 9.37
C2 GOL F . 14.96 -12.87 9.19
O2 GOL F . 14.51 -11.60 9.67
C3 GOL F . 15.24 -12.82 7.70
O3 GOL F . 14.16 -12.27 6.94
C1 GOL G . 51.48 -3.24 1.44
O1 GOL G . 50.87 -3.36 2.72
C2 GOL G . 50.83 -4.15 0.40
O2 GOL G . 51.11 -3.69 -0.95
C3 GOL G . 51.22 -5.61 0.64
O3 GOL G . 50.26 -6.53 0.10
C1 GOL H . -32.65 8.76 -0.85
O1 GOL H . -32.51 8.93 0.55
C2 GOL H . -33.03 10.08 -1.50
O2 GOL H . -31.87 10.92 -1.47
C3 GOL H . -33.57 9.95 -2.90
O3 GOL H . -33.24 11.08 -3.72
C1 GOL I . 2.21 20.72 -1.80
O1 GOL I . 2.24 21.86 -0.92
C2 GOL I . 0.81 20.34 -2.23
O2 GOL I . -0.09 20.46 -1.12
C3 GOL I . 0.72 18.97 -2.83
O3 GOL I . 1.13 18.97 -4.20
S1 DTT J . 46.63 7.76 0.66
C1 DTT J . 45.16 7.58 -0.37
C2 DTT J . 43.93 7.84 0.45
O2 DTT J . 43.51 6.64 1.08
C3 DTT J . 42.80 8.46 -0.37
O3 DTT J . 42.33 7.50 -1.31
C4 DTT J . 41.67 8.98 0.50
S4 DTT J . 41.21 10.71 0.21
S1 DTT K . 7.55 2.12 -1.95
C1 DTT K . 6.13 1.05 -2.36
C2 DTT K . 6.32 -0.05 -3.39
O2 DTT K . 6.97 0.51 -4.51
C3 DTT K . 5.04 -0.75 -3.93
O3 DTT K . 5.36 -2.07 -4.38
C4 DTT K . 3.85 -0.83 -2.98
S4 DTT K . 3.95 -1.88 -1.51
#